data_5SBQ
#
_entry.id   5SBQ
#
_cell.length_a   30.731
_cell.length_b   81.136
_cell.length_c   31.840
_cell.angle_alpha   90.000
_cell.angle_beta   117.770
_cell.angle_gamma   90.000
#
_symmetry.space_group_name_H-M   'P 1 21 1'
#
loop_
_entity.id
_entity.type
_entity.pdbx_description
1 polymer 'CD44 antigen'
2 non-polymer "N-phenyl-N'-pyridin-3-ylurea"
3 non-polymer 'TRIETHYLENE GLYCOL'
4 non-polymer 'DIMETHYL SULFOXIDE'
5 water water
#
_entity_poly.entity_id   1
_entity_poly.type   'polypeptide(L)'
_entity_poly.pdbx_seq_one_letter_code
;MNQIDLNVTCRYAGVFHVEKNGRYSISRTEAADLCQAFNSTLPTMDQMKLALSKGFETCRYGFIEGNVVIPRIHPNAICA
ANHTGVYILVTSNTSHYDTYCFNASAPPEEDCTSVTDLPNSFDGPVTITIVNRDGTRYSKKGEYRTHQEDID
;
_entity_poly.pdbx_strand_id   A
#
# COMPACT_ATOMS: atom_id res chain seq x y z
N ASN A 2 -11.87 -14.38 11.23
CA ASN A 2 -11.50 -12.97 11.35
C ASN A 2 -10.17 -12.82 10.66
N GLN A 3 -10.21 -12.53 9.36
CA GLN A 3 -9.03 -12.53 8.51
C GLN A 3 -8.98 -11.34 7.61
N ILE A 4 -7.78 -10.82 7.40
CA ILE A 4 -7.52 -9.75 6.45
C ILE A 4 -6.36 -10.19 5.60
N ASP A 5 -6.50 -10.06 4.27
CA ASP A 5 -5.41 -10.31 3.32
C ASP A 5 -4.92 -8.96 2.87
N LEU A 6 -3.60 -8.82 2.87
CA LEU A 6 -2.95 -7.60 2.43
C LEU A 6 -1.98 -7.99 1.32
N ASN A 7 -2.37 -7.72 0.06
CA ASN A 7 -1.49 -7.97 -1.07
C ASN A 7 -0.55 -6.80 -1.18
N VAL A 8 0.74 -7.11 -1.24
CA VAL A 8 1.78 -6.08 -1.29
C VAL A 8 2.65 -6.27 -2.51
N THR A 9 3.35 -5.20 -2.89
CA THR A 9 4.24 -5.22 -4.03
C THR A 9 5.68 -5.08 -3.62
N CYS A 10 6.56 -5.13 -4.65
CA CYS A 10 7.90 -4.59 -4.61
C CYS A 10 7.87 -3.21 -3.97
N ARG A 11 8.96 -2.82 -3.36
CA ARG A 11 9.17 -1.46 -2.92
C ARG A 11 10.07 -0.79 -3.93
N TYR A 12 9.79 0.47 -4.23
CA TYR A 12 10.60 1.29 -5.13
C TYR A 12 10.93 2.53 -4.39
N ALA A 13 12.21 2.73 -4.04
CA ALA A 13 12.57 3.85 -3.18
C ALA A 13 11.67 3.91 -1.93
N GLY A 14 11.40 2.74 -1.38
CA GLY A 14 10.61 2.61 -0.16
C GLY A 14 9.11 2.62 -0.33
N VAL A 15 8.60 2.92 -1.51
CA VAL A 15 7.16 3.01 -1.72
C VAL A 15 6.65 1.68 -2.22
N PHE A 16 5.52 1.24 -1.67
CA PHE A 16 4.88 0.03 -2.11
C PHE A 16 3.38 0.21 -2.06
N HIS A 17 2.68 -0.70 -2.73
CA HIS A 17 1.23 -0.70 -2.82
C HIS A 17 0.69 -1.83 -1.94
N VAL A 18 -0.45 -1.56 -1.28
CA VAL A 18 -1.13 -2.53 -0.44
C VAL A 18 -2.59 -2.52 -0.83
N GLU A 19 -3.11 -3.69 -1.17
CA GLU A 19 -4.50 -3.89 -1.50
C GLU A 19 -5.07 -4.82 -0.43
N LYS A 20 -6.18 -4.42 0.17
CA LYS A 20 -6.80 -5.18 1.24
CA LYS A 20 -6.79 -5.20 1.23
C LYS A 20 -7.95 -6.02 0.73
N ASN A 21 -7.89 -7.31 1.00
CA ASN A 21 -8.98 -8.22 0.67
C ASN A 21 -9.40 -8.20 -0.79
N GLY A 22 -8.44 -7.96 -1.67
CA GLY A 22 -8.68 -8.04 -3.10
C GLY A 22 -9.73 -7.11 -3.65
N ARG A 23 -10.02 -6.01 -2.94
CA ARG A 23 -11.02 -5.03 -3.36
C ARG A 23 -10.58 -3.67 -2.89
N TYR A 24 -11.05 -2.59 -3.51
CA TYR A 24 -10.85 -1.24 -2.96
C TYR A 24 -11.62 -1.19 -1.64
N SER A 25 -10.93 -1.13 -0.52
CA SER A 25 -11.62 -1.31 0.75
C SER A 25 -11.01 -0.58 1.90
N ILE A 26 -10.08 0.35 1.63
CA ILE A 26 -9.37 1.02 2.70
C ILE A 26 -9.81 2.47 2.75
N SER A 27 -10.13 2.98 3.93
CA SER A 27 -10.40 4.39 4.10
C SER A 27 -9.12 5.13 4.32
N ARG A 28 -9.13 6.48 4.24
CA ARG A 28 -7.89 7.22 4.49
C ARG A 28 -7.36 6.98 5.90
N THR A 29 -8.25 6.92 6.91
CA THR A 29 -7.76 6.65 8.28
C THR A 29 -7.18 5.28 8.41
N GLU A 30 -7.82 4.30 7.79
CA GLU A 30 -7.29 2.93 7.84
CA GLU A 30 -7.29 2.95 7.86
C GLU A 30 -5.96 2.84 7.14
N ALA A 31 -5.80 3.59 6.04
CA ALA A 31 -4.56 3.57 5.28
C ALA A 31 -3.39 4.02 6.11
N ALA A 32 -3.56 5.11 6.85
CA ALA A 32 -2.47 5.59 7.70
C ALA A 32 -2.11 4.54 8.76
N ASP A 33 -3.12 3.92 9.34
CA ASP A 33 -2.88 2.89 10.35
C ASP A 33 -2.22 1.66 9.75
N LEU A 34 -2.63 1.29 8.54
CA LEU A 34 -2.05 0.15 7.87
CA LEU A 34 -2.07 0.14 7.84
C LEU A 34 -0.59 0.38 7.57
N CYS A 35 -0.25 1.56 7.02
CA CYS A 35 1.16 1.83 6.77
C CYS A 35 1.94 1.82 8.07
N GLN A 36 1.35 2.33 9.15
CA GLN A 36 2.06 2.33 10.45
C GLN A 36 2.40 0.92 10.89
N ALA A 37 1.55 -0.06 10.56
CA ALA A 37 1.85 -1.46 10.91
C ALA A 37 3.07 -2.00 10.17
N PHE A 38 3.41 -1.39 9.03
CA PHE A 38 4.63 -1.70 8.28
C PHE A 38 5.76 -0.73 8.65
N ASN A 39 5.67 -0.01 9.79
CA ASN A 39 6.66 1.01 10.15
C ASN A 39 6.84 2.02 9.00
N SER A 40 5.72 2.33 8.35
CA SER A 40 5.69 3.14 7.15
C SER A 40 4.67 4.25 7.28
N THR A 41 4.72 5.17 6.33
CA THR A 41 3.80 6.28 6.31
C THR A 41 3.18 6.37 4.94
N LEU A 42 2.11 7.16 4.80
CA LEU A 42 1.58 7.41 3.46
CA LEU A 42 1.56 7.44 3.47
C LEU A 42 2.65 8.22 2.71
N PRO A 43 3.02 7.82 1.49
CA PRO A 43 4.06 8.56 0.77
C PRO A 43 3.67 9.99 0.52
N THR A 44 4.65 10.87 0.51
CA THR A 44 4.41 12.20 -0.03
C THR A 44 4.39 12.07 -1.55
N MET A 45 3.89 13.11 -2.23
CA MET A 45 3.92 13.14 -3.67
C MET A 45 5.37 13.05 -4.17
N ASP A 46 6.30 13.76 -3.52
CA ASP A 46 7.70 13.68 -3.94
C ASP A 46 8.25 12.26 -3.80
N GLN A 47 7.91 11.58 -2.69
CA GLN A 47 8.37 10.20 -2.51
C GLN A 47 7.80 9.30 -3.60
N MET A 48 6.53 9.48 -3.94
CA MET A 48 5.89 8.68 -4.97
C MET A 48 6.52 8.96 -6.32
N LYS A 49 6.78 10.25 -6.62
CA LYS A 49 7.43 10.57 -7.90
C LYS A 49 8.79 9.91 -8.01
N LEU A 50 9.55 9.87 -6.91
CA LEU A 50 10.85 9.21 -6.98
C LEU A 50 10.68 7.72 -7.20
N ALA A 51 9.70 7.12 -6.51
CA ALA A 51 9.44 5.68 -6.70
C ALA A 51 9.09 5.37 -8.15
N LEU A 52 8.21 6.19 -8.74
CA LEU A 52 7.84 6.07 -10.15
CA LEU A 52 7.86 6.01 -10.14
C LEU A 52 9.10 6.07 -11.03
N SER A 53 10.00 7.01 -10.73
CA SER A 53 11.22 7.11 -11.54
C SER A 53 12.12 5.90 -11.46
N LYS A 54 11.99 5.14 -10.37
CA LYS A 54 12.78 3.92 -10.18
C LYS A 54 12.12 2.68 -10.80
N GLY A 55 10.90 2.82 -11.31
CA GLY A 55 10.24 1.69 -11.97
C GLY A 55 8.89 1.31 -11.41
N PHE A 56 8.33 2.08 -10.46
CA PHE A 56 7.05 1.72 -9.84
C PHE A 56 5.87 2.12 -10.69
N GLU A 57 5.00 1.16 -10.97
CA GLU A 57 3.70 1.45 -11.54
C GLU A 57 2.72 0.44 -11.05
N THR A 58 1.47 0.86 -10.92
CA THR A 58 0.37 -0.04 -10.61
C THR A 58 -0.79 0.30 -11.54
N CYS A 59 -1.87 -0.48 -11.42
CA CYS A 59 -3.10 -0.16 -12.09
C CYS A 59 -4.25 -0.02 -11.09
N ARG A 60 -3.94 0.53 -9.92
CA ARG A 60 -4.90 0.65 -8.84
C ARG A 60 -4.77 1.98 -8.13
N TYR A 61 -5.94 2.57 -7.84
CA TYR A 61 -5.96 3.79 -7.05
C TYR A 61 -5.55 3.49 -5.62
N GLY A 62 -4.73 4.37 -5.08
CA GLY A 62 -4.38 4.23 -3.67
C GLY A 62 -4.03 5.55 -3.05
N PHE A 63 -4.21 5.63 -1.74
CA PHE A 63 -3.84 6.86 -1.04
C PHE A 63 -2.34 7.08 -1.04
N ILE A 64 -2.00 8.35 -1.16
CA ILE A 64 -0.75 8.89 -0.71
C ILE A 64 -1.16 10.03 0.24
N GLU A 65 -0.19 10.75 0.80
CA GLU A 65 -0.50 11.91 1.60
CA GLU A 65 -0.55 11.89 1.61
C GLU A 65 -1.19 12.95 0.69
N GLY A 66 -2.41 13.31 0.98
CA GLY A 66 -3.11 14.36 0.27
C GLY A 66 -3.88 14.01 -0.95
N ASN A 67 -3.63 12.87 -1.57
CA ASN A 67 -4.31 12.53 -2.81
C ASN A 67 -4.47 11.05 -2.95
N VAL A 68 -5.26 10.64 -3.94
CA VAL A 68 -5.41 9.25 -4.36
C VAL A 68 -4.84 9.19 -5.77
N VAL A 69 -3.91 8.25 -6.01
CA VAL A 69 -3.14 8.27 -7.23
C VAL A 69 -2.95 6.89 -7.80
N ILE A 70 -2.46 6.86 -9.04
CA ILE A 70 -1.98 5.68 -9.71
C ILE A 70 -0.65 6.04 -10.35
N PRO A 71 0.50 5.48 -9.93
CA PRO A 71 1.74 5.72 -10.66
C PRO A 71 1.73 4.91 -11.95
N ARG A 72 2.05 5.57 -13.07
CA ARG A 72 2.04 4.93 -14.37
C ARG A 72 3.32 5.21 -15.12
N ILE A 73 3.89 4.16 -15.65
CA ILE A 73 5.05 4.28 -16.53
C ILE A 73 4.61 4.07 -17.96
N HIS A 74 3.93 2.96 -18.23
CA HIS A 74 3.55 2.62 -19.59
C HIS A 74 2.11 2.98 -19.83
N PRO A 75 1.78 3.73 -20.89
CA PRO A 75 0.37 4.02 -21.16
C PRO A 75 -0.44 2.75 -21.35
N ASN A 76 -1.55 2.66 -20.64
CA ASN A 76 -2.48 1.55 -20.78
C ASN A 76 -3.86 2.16 -20.69
N ALA A 77 -4.72 1.92 -21.69
CA ALA A 77 -6.04 2.52 -21.73
C ALA A 77 -6.91 2.24 -20.52
N ILE A 78 -6.69 1.10 -19.85
CA ILE A 78 -7.52 0.74 -18.68
C ILE A 78 -6.83 1.06 -17.35
N CYS A 79 -5.70 1.76 -17.37
CA CYS A 79 -5.02 2.17 -16.16
C CYS A 79 -4.83 3.65 -16.21
N ALA A 80 -5.56 4.40 -15.39
CA ALA A 80 -5.42 5.86 -15.32
C ALA A 80 -5.64 6.53 -16.67
N ALA A 81 -6.61 6.03 -17.41
CA ALA A 81 -7.00 6.61 -18.70
C ALA A 81 -5.82 6.88 -19.65
N ASN A 82 -4.90 5.92 -19.74
CA ASN A 82 -3.73 5.99 -20.61
C ASN A 82 -2.66 7.02 -20.23
N HIS A 83 -2.78 7.62 -19.06
CA HIS A 83 -1.79 8.60 -18.62
C HIS A 83 -0.52 7.94 -18.13
N THR A 84 0.55 8.74 -18.12
CA THR A 84 1.79 8.37 -17.48
C THR A 84 2.06 9.37 -16.37
N GLY A 85 3.02 9.03 -15.52
CA GLY A 85 3.35 9.87 -14.38
C GLY A 85 2.49 9.46 -13.19
N VAL A 86 2.55 10.27 -12.13
CA VAL A 86 1.69 10.03 -10.99
C VAL A 86 0.34 10.60 -11.33
N TYR A 87 -0.59 9.73 -11.73
CA TYR A 87 -1.92 10.15 -12.10
C TYR A 87 -2.73 10.42 -10.84
N ILE A 88 -3.32 11.60 -10.78
CA ILE A 88 -4.09 11.99 -9.61
C ILE A 88 -5.56 11.86 -9.88
N LEU A 89 -6.26 11.11 -9.02
CA LEU A 89 -7.70 11.01 -9.12
C LEU A 89 -8.29 12.37 -8.75
N VAL A 90 -9.16 12.88 -9.64
CA VAL A 90 -9.77 14.19 -9.42
C VAL A 90 -11.19 14.05 -8.94
N THR A 91 -12.01 13.26 -9.65
CA THR A 91 -13.43 13.21 -9.36
C THR A 91 -13.86 11.80 -9.05
N SER A 92 -14.39 11.59 -7.87
CA SER A 92 -14.93 10.31 -7.47
C SER A 92 -16.03 10.52 -6.47
N ASN A 93 -17.05 9.69 -6.53
CA ASN A 93 -18.08 9.77 -5.49
C ASN A 93 -17.62 9.16 -4.18
N THR A 94 -16.68 8.20 -4.23
CA THR A 94 -16.44 7.23 -3.18
C THR A 94 -15.11 7.43 -2.45
N SER A 95 -15.01 6.79 -1.27
CA SER A 95 -13.94 7.09 -0.34
C SER A 95 -12.93 5.99 -0.07
N HIS A 96 -13.14 4.79 -0.60
CA HIS A 96 -12.32 3.64 -0.27
C HIS A 96 -11.47 3.20 -1.44
N TYR A 97 -10.19 3.05 -1.18
CA TYR A 97 -9.22 2.74 -2.23
C TYR A 97 -8.24 1.71 -1.70
N ASP A 98 -7.15 1.47 -2.42
CA ASP A 98 -6.03 0.76 -1.84
C ASP A 98 -5.18 1.83 -1.15
N THR A 99 -3.97 1.45 -0.67
CA THR A 99 -3.06 2.46 -0.19
C THR A 99 -1.69 2.23 -0.71
N TYR A 100 -0.92 3.30 -0.74
CA TYR A 100 0.51 3.20 -0.87
C TYR A 100 1.08 3.46 0.52
N CYS A 101 2.29 2.94 0.74
CA CYS A 101 3.03 3.11 1.97
C CYS A 101 4.47 3.38 1.61
N PHE A 102 5.19 4.04 2.51
CA PHE A 102 6.57 4.40 2.35
C PHE A 102 7.36 4.00 3.58
N ASN A 103 8.36 3.16 3.37
CA ASN A 103 9.26 2.65 4.39
CA ASN A 103 9.25 2.75 4.44
C ASN A 103 10.62 3.29 4.13
N ALA A 104 11.05 4.23 4.97
CA ALA A 104 12.31 4.91 4.77
C ALA A 104 13.51 4.00 4.87
N SER A 105 13.39 2.84 5.52
CA SER A 105 14.49 1.89 5.69
CA SER A 105 14.53 1.94 5.67
C SER A 105 14.64 0.90 4.55
N ALA A 106 13.74 0.93 3.56
CA ALA A 106 13.82 0.04 2.44
C ALA A 106 14.99 0.47 1.54
N PRO A 107 15.35 -0.37 0.58
CA PRO A 107 16.43 0.01 -0.34
C PRO A 107 16.10 1.23 -1.20
N PRO A 108 17.11 1.88 -1.74
CA PRO A 108 16.84 3.13 -2.46
C PRO A 108 16.17 2.96 -3.80
N GLU A 109 16.34 1.81 -4.45
CA GLU A 109 15.80 1.67 -5.80
C GLU A 109 14.79 0.55 -5.83
N GLU A 110 14.83 -0.35 -6.79
CA GLU A 110 13.85 -1.42 -6.88
C GLU A 110 14.17 -2.52 -5.91
N ASP A 111 13.24 -2.84 -5.04
CA ASP A 111 13.36 -3.95 -4.13
C ASP A 111 12.20 -4.88 -4.35
N CYS A 112 12.42 -5.91 -5.17
CA CYS A 112 11.39 -6.88 -5.46
C CYS A 112 11.57 -8.17 -4.69
N THR A 113 12.19 -8.07 -3.51
CA THR A 113 12.12 -9.17 -2.57
C THR A 113 10.71 -9.14 -1.95
N SER A 114 10.35 -10.25 -1.34
CA SER A 114 9.06 -10.36 -0.69
C SER A 114 9.09 -9.75 0.70
N VAL A 115 7.87 -9.43 1.16
CA VAL A 115 7.62 -8.93 2.50
C VAL A 115 7.34 -10.12 3.39
N THR A 116 8.10 -10.23 4.48
CA THR A 116 8.07 -11.38 5.36
C THR A 116 7.76 -11.03 6.80
N ASP A 117 7.23 -9.84 7.06
CA ASP A 117 6.85 -9.46 8.40
CA ASP A 117 6.93 -9.40 8.41
C ASP A 117 5.88 -8.29 8.37
N LEU A 118 5.23 -8.04 9.50
CA LEU A 118 4.31 -6.93 9.68
C LEU A 118 4.79 -6.41 11.03
N PRO A 119 5.85 -5.60 11.02
CA PRO A 119 6.63 -5.40 12.25
C PRO A 119 5.99 -4.58 13.34
N ASN A 120 5.01 -3.78 13.01
CA ASN A 120 4.43 -2.87 13.96
C ASN A 120 2.96 -3.03 14.13
N SER A 121 2.42 -4.23 13.83
CA SER A 121 1.04 -4.49 14.17
C SER A 121 0.94 -4.61 15.69
N PHE A 122 -0.26 -4.40 16.17
CA PHE A 122 -0.45 -4.48 17.61
CA PHE A 122 -0.57 -4.41 17.58
C PHE A 122 -1.25 -5.72 17.95
N ASP A 123 -1.37 -5.98 19.26
CA ASP A 123 -2.09 -7.16 19.70
C ASP A 123 -3.54 -7.06 19.20
N GLY A 124 -4.12 -8.18 18.80
CA GLY A 124 -5.49 -8.18 18.37
C GLY A 124 -5.91 -9.54 17.89
N PRO A 125 -7.16 -9.63 17.44
CA PRO A 125 -7.73 -10.94 17.16
C PRO A 125 -7.73 -11.37 15.70
N VAL A 126 -7.26 -10.51 14.80
CA VAL A 126 -7.37 -10.78 13.37
C VAL A 126 -6.20 -11.57 12.86
N THR A 127 -6.44 -12.55 11.99
CA THR A 127 -5.34 -13.20 11.29
C THR A 127 -5.05 -12.34 10.08
N ILE A 128 -3.92 -11.68 10.08
CA ILE A 128 -3.52 -10.78 9.02
C ILE A 128 -2.51 -11.50 8.17
N THR A 129 -2.80 -11.65 6.88
CA THR A 129 -1.91 -12.35 5.99
C THR A 129 -1.37 -11.40 4.96
N ILE A 130 -0.06 -11.29 4.91
CA ILE A 130 0.62 -10.54 3.87
CA ILE A 130 0.63 -10.55 3.88
C ILE A 130 0.77 -11.51 2.71
N VAL A 131 0.29 -11.11 1.54
CA VAL A 131 0.35 -11.90 0.33
C VAL A 131 1.25 -11.18 -0.65
N ASN A 132 2.35 -11.79 -1.01
CA ASN A 132 3.26 -11.23 -2.01
C ASN A 132 2.79 -11.54 -3.38
N ARG A 133 3.31 -10.81 -4.37
CA ARG A 133 2.90 -11.06 -5.75
CA ARG A 133 2.90 -11.07 -5.75
C ARG A 133 3.32 -12.45 -6.21
N ASP A 134 4.44 -12.97 -5.67
CA ASP A 134 4.87 -14.34 -5.97
C ASP A 134 4.12 -15.37 -5.14
N GLY A 135 3.09 -14.96 -4.41
CA GLY A 135 2.22 -15.87 -3.66
C GLY A 135 2.71 -16.20 -2.28
N THR A 136 3.98 -15.92 -1.97
CA THR A 136 4.49 -16.22 -0.63
C THR A 136 3.74 -15.40 0.39
N ARG A 137 3.49 -16.02 1.54
CA ARG A 137 2.67 -15.43 2.57
CA ARG A 137 2.67 -15.43 2.57
C ARG A 137 3.30 -15.40 3.92
N TYR A 138 2.93 -14.41 4.70
CA TYR A 138 3.34 -14.27 6.09
C TYR A 138 2.07 -13.92 6.85
N SER A 139 1.75 -14.67 7.87
CA SER A 139 0.56 -14.40 8.65
C SER A 139 0.89 -14.18 10.09
N LYS A 140 0.10 -13.33 10.73
CA LYS A 140 0.24 -13.09 12.16
CA LYS A 140 0.30 -12.94 12.11
C LYS A 140 -1.07 -12.62 12.71
N LYS A 141 -1.31 -12.94 13.97
CA LYS A 141 -2.51 -12.53 14.64
C LYS A 141 -2.26 -11.13 15.19
N GLY A 142 -3.17 -10.21 14.94
CA GLY A 142 -3.01 -8.86 15.47
C GLY A 142 -4.11 -7.95 15.03
N GLU A 143 -3.79 -6.68 15.05
CA GLU A 143 -4.69 -5.65 14.62
C GLU A 143 -3.82 -4.46 14.24
N TYR A 144 -4.31 -3.60 13.37
CA TYR A 144 -3.64 -2.37 13.01
C TYR A 144 -4.60 -1.18 13.01
N ARG A 145 -5.92 -1.41 13.02
CA ARG A 145 -6.89 -0.35 12.91
C ARG A 145 -7.12 0.31 14.24
N THR A 146 -6.95 1.61 14.31
CA THR A 146 -7.16 2.35 15.56
C THR A 146 -8.49 3.09 15.57
N HIS A 147 -9.20 3.20 14.43
CA HIS A 147 -10.48 3.90 14.35
C HIS A 147 -11.58 2.86 14.27
N GLN A 148 -12.52 2.88 15.23
CA GLN A 148 -13.61 1.90 15.25
C GLN A 148 -14.42 1.82 13.97
N GLU A 149 -14.67 2.97 13.31
CA GLU A 149 -15.43 3.01 12.07
C GLU A 149 -14.78 2.25 10.92
N ASP A 150 -13.47 1.95 11.03
CA ASP A 150 -12.79 1.14 10.03
C ASP A 150 -12.86 -0.35 10.31
N ILE A 151 -13.48 -0.78 11.41
CA ILE A 151 -13.53 -2.19 11.77
C ILE A 151 -14.90 -2.79 11.51
#